data_2H6C
#
_entry.id   2H6C
#
_cell.length_a   72.637
_cell.length_b   50.030
_cell.length_c   76.415
_cell.angle_alpha   90.00
_cell.angle_beta   105.54
_cell.angle_gamma   90.00
#
_symmetry.space_group_name_H-M   'P 1 21 1'
#
_entity_poly.entity_id   1
_entity_poly.type   'polypeptide(L)'
_entity_poly.pdbx_seq_one_letter_code
;MSAEGLDKDFCGAIIPDSFFPIEKLRNYTDMGIIREFAKGSAIIMPGEDTTSMIFLMDGKIKLDIIFEDGSEKLLYYAGS
NSLIGRLYPTGNNIYATAMEQTRTCWFSEECLRVIFRTDEDMIFEIFKNYLTKVAYYARQVAEINTYNPTIRILRLFYEL
CSSQGKRVGDTYEITMPLSQKSIGEITGAHHVTVSKVLACLKKENILDKKKNKFIVYNLEELKHLSEQTSYY
;
_entity_poly.pdbx_strand_id   A,B
#
# COMPACT_ATOMS: atom_id res chain seq x y z
N PHE A 19 14.87 4.08 -8.58
CA PHE A 19 15.72 3.12 -9.42
C PHE A 19 16.77 2.28 -8.72
N PHE A 20 17.42 2.84 -7.70
CA PHE A 20 18.20 2.04 -6.78
C PHE A 20 19.27 1.25 -7.51
N PRO A 21 20.33 1.94 -7.97
CA PRO A 21 21.38 1.28 -8.71
C PRO A 21 22.32 0.46 -7.83
N ILE A 22 23.00 -0.52 -8.44
CA ILE A 22 24.16 -1.24 -7.85
C ILE A 22 25.24 -1.35 -8.94
N GLU A 23 25.89 -0.26 -9.29
CA GLU A 23 27.03 -0.38 -10.15
C GLU A 23 27.82 -1.64 -9.80
N LYS A 24 28.27 -1.76 -8.54
CA LYS A 24 29.33 -2.73 -8.24
C LYS A 24 29.04 -4.13 -8.82
N LEU A 25 27.80 -4.37 -9.21
CA LEU A 25 27.39 -5.65 -9.75
C LEU A 25 27.76 -5.90 -11.24
N ARG A 26 27.68 -4.90 -12.13
CA ARG A 26 28.28 -5.04 -13.50
C ARG A 26 29.55 -5.91 -13.41
N ASN A 27 30.34 -5.69 -12.38
CA ASN A 27 31.55 -6.43 -12.17
C ASN A 27 31.45 -7.95 -12.18
N TYR A 28 30.25 -8.51 -12.27
CA TYR A 28 30.06 -9.95 -12.09
C TYR A 28 29.11 -10.61 -13.07
N THR A 29 28.56 -9.85 -14.00
CA THR A 29 27.49 -10.37 -14.83
C THR A 29 28.09 -11.53 -15.60
N ASP A 30 29.42 -11.48 -15.77
CA ASP A 30 30.15 -12.55 -16.46
C ASP A 30 30.04 -13.91 -15.82
N MET A 31 29.39 -13.95 -14.66
CA MET A 31 29.03 -15.20 -13.99
C MET A 31 27.52 -15.46 -14.01
N GLY A 32 26.69 -14.47 -14.32
CA GLY A 32 25.25 -14.71 -14.36
C GLY A 32 24.90 -15.25 -15.73
N ILE A 33 23.61 -15.43 -16.03
CA ILE A 33 23.23 -15.70 -17.45
C ILE A 33 22.59 -14.44 -18.10
N ILE A 34 23.04 -14.15 -19.32
CA ILE A 34 22.63 -12.92 -20.01
C ILE A 34 21.47 -13.20 -20.92
N ARG A 35 20.44 -12.38 -20.77
CA ARG A 35 19.24 -12.56 -21.48
C ARG A 35 18.95 -11.20 -21.96
N GLU A 36 18.30 -11.13 -23.10
CA GLU A 36 18.16 -9.90 -23.79
C GLU A 36 16.76 -9.84 -24.38
N PHE A 37 16.07 -8.73 -24.11
CA PHE A 37 14.62 -8.53 -24.42
C PHE A 37 14.36 -7.30 -25.35
N ALA A 38 13.63 -7.51 -26.47
CA ALA A 38 13.30 -6.41 -27.38
C ALA A 38 12.15 -5.60 -26.80
N LYS A 39 11.89 -4.42 -27.38
CA LYS A 39 10.88 -3.51 -26.84
C LYS A 39 9.55 -4.28 -26.88
N GLY A 40 8.71 -4.18 -25.87
CA GLY A 40 7.45 -4.93 -25.94
C GLY A 40 7.51 -6.33 -25.34
N SER A 41 8.70 -6.97 -25.35
CA SER A 41 8.87 -8.35 -24.87
C SER A 41 8.61 -8.47 -23.39
N ALA A 42 7.88 -9.53 -23.03
CA ALA A 42 7.55 -9.80 -21.64
C ALA A 42 8.72 -10.51 -21.03
N ILE A 43 9.21 -9.97 -19.92
CA ILE A 43 10.36 -10.58 -19.26
C ILE A 43 9.97 -11.26 -17.97
N ILE A 44 8.93 -10.75 -17.31
CA ILE A 44 8.30 -11.56 -16.26
C ILE A 44 6.84 -11.69 -16.57
N MET A 45 6.36 -12.89 -16.36
CA MET A 45 5.01 -13.23 -16.72
C MET A 45 4.18 -13.31 -15.47
N PRO A 46 2.95 -12.86 -15.60
CA PRO A 46 1.99 -13.14 -14.55
C PRO A 46 2.02 -14.62 -14.14
N GLY A 47 1.66 -14.89 -12.89
CA GLY A 47 1.46 -16.24 -12.41
C GLY A 47 2.60 -17.17 -12.81
N GLU A 48 3.81 -16.77 -12.47
CA GLU A 48 5.00 -17.55 -12.79
C GLU A 48 5.98 -17.51 -11.63
N ASP A 49 6.68 -18.62 -11.41
CA ASP A 49 7.49 -18.79 -10.21
C ASP A 49 8.97 -18.36 -10.41
N THR A 50 9.26 -17.08 -10.11
CA THR A 50 10.61 -16.50 -10.26
C THR A 50 11.62 -17.02 -9.24
N THR A 51 12.87 -17.20 -9.70
CA THR A 51 13.94 -17.67 -8.86
C THR A 51 15.34 -17.06 -9.14
N SER A 52 15.39 -15.85 -9.68
CA SER A 52 16.70 -15.23 -9.92
C SER A 52 16.65 -13.72 -9.74
N MET A 53 17.65 -13.18 -9.11
CA MET A 53 17.82 -11.78 -9.15
C MET A 53 18.06 -11.34 -10.64
N ILE A 54 17.48 -10.24 -11.06
CA ILE A 54 17.67 -9.84 -12.45
C ILE A 54 18.34 -8.51 -12.47
N PHE A 55 19.60 -8.54 -12.87
CA PHE A 55 20.40 -7.35 -12.87
C PHE A 55 20.24 -6.71 -14.23
N LEU A 56 19.88 -5.44 -14.19
CA LEU A 56 19.48 -4.75 -15.37
C LEU A 56 20.68 -3.95 -15.89
N MET A 57 21.46 -4.57 -16.75
CA MET A 57 22.68 -3.92 -17.24
C MET A 57 22.38 -2.71 -18.13
N ASP A 58 21.43 -2.83 -19.06
CA ASP A 58 20.94 -1.66 -19.79
C ASP A 58 19.61 -1.80 -20.48
N GLY A 59 18.78 -0.79 -20.19
CA GLY A 59 17.50 -0.55 -20.82
C GLY A 59 16.50 -0.05 -19.78
N LYS A 60 15.27 -0.53 -19.85
CA LYS A 60 14.27 -0.04 -18.96
C LYS A 60 13.15 -1.01 -18.90
N ILE A 61 12.64 -1.26 -17.72
CA ILE A 61 11.59 -2.23 -17.58
C ILE A 61 10.45 -1.61 -16.82
N LYS A 62 9.22 -1.91 -17.26
CA LYS A 62 7.97 -1.58 -16.51
C LYS A 62 7.51 -2.83 -15.85
N LEU A 63 7.19 -2.76 -14.58
CA LEU A 63 6.66 -3.91 -13.85
C LEU A 63 5.31 -3.52 -13.33
N ASP A 64 4.29 -4.23 -13.79
CA ASP A 64 2.94 -4.02 -13.33
C ASP A 64 2.59 -5.17 -12.44
N ILE A 65 1.82 -4.84 -11.39
CA ILE A 65 1.26 -5.83 -10.45
C ILE A 65 -0.14 -6.19 -10.92
N ILE A 66 -0.50 -7.46 -10.74
CA ILE A 66 -1.83 -7.96 -11.04
C ILE A 66 -2.47 -8.57 -9.79
N PHE A 67 -3.52 -7.91 -9.31
CA PHE A 67 -4.18 -8.24 -8.05
C PHE A 67 -5.11 -9.43 -8.16
N GLU A 68 -5.50 -9.96 -7.01
CA GLU A 68 -6.42 -11.11 -6.95
C GLU A 68 -7.67 -10.95 -7.81
N ASP A 69 -7.89 -9.77 -8.40
CA ASP A 69 -9.11 -9.51 -9.18
C ASP A 69 -8.78 -9.03 -10.60
N GLY A 70 -7.74 -9.62 -11.19
CA GLY A 70 -7.39 -9.38 -12.59
C GLY A 70 -7.08 -7.94 -12.97
N SER A 71 -7.20 -7.02 -12.03
CA SER A 71 -6.99 -5.65 -12.35
C SER A 71 -5.50 -5.40 -12.22
N GLU A 72 -4.96 -4.72 -13.21
CA GLU A 72 -3.51 -4.47 -13.37
C GLU A 72 -3.26 -3.09 -12.79
N LYS A 73 -1.99 -2.64 -12.70
CA LYS A 73 -1.62 -1.35 -12.09
C LYS A 73 -0.12 -1.26 -12.04
N LEU A 74 0.44 -0.10 -12.33
CA LEU A 74 1.90 -0.01 -12.39
C LEU A 74 2.49 -0.15 -11.01
N LEU A 75 3.74 -0.64 -11.02
CA LEU A 75 4.43 -1.00 -9.80
C LEU A 75 5.77 -0.30 -9.74
N TYR A 76 6.65 -0.53 -10.71
CA TYR A 76 7.72 0.46 -10.98
C TYR A 76 8.45 0.19 -12.22
N TYR A 77 9.12 1.24 -12.64
CA TYR A 77 10.09 1.16 -13.68
C TYR A 77 11.46 0.78 -13.07
N ALA A 78 12.21 -0.04 -13.78
CA ALA A 78 13.56 -0.28 -13.34
C ALA A 78 14.47 0.12 -14.49
N GLY A 79 15.71 0.36 -14.18
CA GLY A 79 16.61 0.92 -15.14
C GLY A 79 17.99 0.36 -15.00
N SER A 80 18.94 1.09 -15.56
CA SER A 80 20.27 0.58 -15.67
C SER A 80 20.86 0.41 -14.27
N ASN A 81 21.56 -0.69 -14.07
CA ASN A 81 22.00 -1.17 -12.74
C ASN A 81 20.93 -1.49 -11.71
N SER A 82 19.70 -1.63 -12.13
CA SER A 82 18.66 -1.87 -11.16
C SER A 82 18.67 -3.35 -10.84
N LEU A 83 18.07 -3.73 -9.73
CA LEU A 83 18.03 -5.13 -9.36
C LEU A 83 16.62 -5.51 -9.01
N ILE A 84 16.04 -6.30 -9.88
CA ILE A 84 14.71 -6.76 -9.76
C ILE A 84 14.72 -8.19 -9.29
N GLY A 85 13.58 -8.62 -8.77
CA GLY A 85 13.20 -10.03 -8.85
C GLY A 85 13.01 -10.78 -7.54
N ARG A 86 11.89 -11.49 -7.44
CA ARG A 86 11.76 -12.54 -6.46
C ARG A 86 12.94 -13.54 -6.61
N LEU A 87 13.75 -13.69 -5.56
CA LEU A 87 14.59 -14.90 -5.40
C LEU A 87 13.78 -16.04 -4.73
N TYR A 88 12.70 -15.68 -4.00
CA TYR A 88 11.68 -16.57 -3.34
C TYR A 88 10.29 -15.95 -3.58
N PRO A 89 9.23 -16.76 -3.71
CA PRO A 89 7.89 -16.17 -3.95
C PRO A 89 7.53 -15.08 -2.95
N THR A 90 7.17 -13.94 -3.50
CA THR A 90 6.75 -12.75 -2.78
C THR A 90 5.29 -12.48 -3.11
N GLY A 91 4.31 -13.20 -2.56
CA GLY A 91 2.88 -12.89 -2.79
C GLY A 91 2.47 -11.79 -3.77
N ASN A 92 3.18 -11.65 -4.90
CA ASN A 92 2.86 -10.63 -5.89
C ASN A 92 2.87 -11.22 -7.28
N ASN A 93 1.75 -11.17 -7.97
CA ASN A 93 1.76 -11.49 -9.36
C ASN A 93 2.34 -10.32 -10.13
N ILE A 94 3.44 -10.50 -10.84
CA ILE A 94 4.06 -9.40 -11.54
C ILE A 94 3.90 -9.59 -13.06
N TYR A 95 4.31 -8.58 -13.79
CA TYR A 95 4.25 -8.65 -15.19
C TYR A 95 5.11 -7.59 -15.80
N ALA A 96 6.34 -7.97 -16.11
CA ALA A 96 7.32 -6.96 -16.47
C ALA A 96 7.48 -6.92 -17.95
N THR A 97 7.83 -5.77 -18.46
CA THR A 97 7.91 -5.58 -19.89
C THR A 97 9.11 -4.80 -20.20
N ALA A 98 9.63 -4.93 -21.41
CA ALA A 98 10.73 -4.09 -21.81
C ALA A 98 10.23 -2.79 -22.50
N MET A 99 10.70 -1.66 -21.99
CA MET A 99 10.46 -0.36 -22.63
C MET A 99 11.38 -0.16 -23.81
N GLU A 100 12.66 -0.39 -23.63
CA GLU A 100 13.56 -0.33 -24.77
C GLU A 100 14.30 -1.64 -24.84
N GLN A 101 15.26 -1.72 -25.76
CA GLN A 101 16.09 -2.89 -25.86
C GLN A 101 16.95 -2.90 -24.62
N THR A 102 16.85 -4.01 -23.89
CA THR A 102 17.30 -4.11 -22.53
C THR A 102 18.09 -5.37 -22.42
N ARG A 103 19.24 -5.29 -21.76
CA ARG A 103 20.12 -6.46 -21.56
C ARG A 103 20.16 -6.81 -20.07
N THR A 104 19.82 -8.02 -19.69
CA THR A 104 19.84 -8.30 -18.26
C THR A 104 20.83 -9.37 -18.01
N CYS A 105 21.32 -9.42 -16.76
CA CYS A 105 22.06 -10.57 -16.28
C CYS A 105 21.35 -11.21 -15.13
N TRP A 106 21.11 -12.50 -15.23
CA TRP A 106 20.29 -13.21 -14.29
C TRP A 106 21.22 -13.87 -13.33
N PHE A 107 20.90 -13.75 -12.05
CA PHE A 107 21.75 -14.27 -10.98
C PHE A 107 21.02 -15.28 -10.15
N SER A 108 21.47 -16.51 -10.14
CA SER A 108 20.87 -17.53 -9.32
C SER A 108 21.34 -17.39 -7.89
N GLU A 109 20.62 -18.02 -6.96
CA GLU A 109 21.15 -18.18 -5.64
C GLU A 109 22.56 -18.77 -5.78
N GLU A 110 22.66 -19.93 -6.42
CA GLU A 110 23.92 -20.70 -6.44
C GLU A 110 25.01 -19.78 -6.94
N CYS A 111 24.68 -19.04 -7.99
CA CYS A 111 25.62 -18.08 -8.54
C CYS A 111 25.97 -17.05 -7.46
N LEU A 112 24.95 -16.59 -6.73
CA LEU A 112 25.17 -15.48 -5.84
C LEU A 112 26.20 -15.86 -4.80
N ARG A 113 26.08 -17.06 -4.26
CA ARG A 113 27.03 -17.55 -3.25
C ARG A 113 28.51 -17.41 -3.58
N VAL A 114 28.89 -17.85 -4.80
CA VAL A 114 30.24 -17.78 -5.28
C VAL A 114 30.69 -16.30 -5.27
N ILE A 115 29.82 -15.44 -5.77
CA ILE A 115 30.17 -14.05 -5.89
C ILE A 115 30.59 -13.55 -4.54
N PHE A 116 29.83 -13.96 -3.54
CA PHE A 116 30.00 -13.45 -2.19
C PHE A 116 31.30 -13.94 -1.59
N ARG A 117 31.76 -15.10 -2.06
CA ARG A 117 32.94 -15.70 -1.51
C ARG A 117 34.17 -15.04 -2.07
N THR A 118 34.17 -14.67 -3.33
CA THR A 118 35.26 -13.90 -3.85
C THR A 118 35.28 -12.62 -3.12
N ASP A 119 34.08 -12.15 -2.79
CA ASP A 119 33.95 -10.75 -2.46
C ASP A 119 32.68 -10.40 -1.68
N GLU A 120 32.91 -10.09 -0.42
CA GLU A 120 31.94 -10.24 0.71
C GLU A 120 31.26 -8.93 1.00
N ASP A 121 31.95 -7.86 0.58
CA ASP A 121 31.36 -6.53 0.57
C ASP A 121 30.10 -6.49 -0.31
N MET A 122 30.05 -7.38 -1.33
CA MET A 122 28.90 -7.47 -2.22
C MET A 122 27.64 -7.86 -1.47
N ILE A 123 27.72 -8.76 -0.48
CA ILE A 123 26.58 -9.04 0.36
C ILE A 123 25.95 -7.75 0.83
N PHE A 124 26.77 -6.83 1.32
CA PHE A 124 26.24 -5.57 1.89
C PHE A 124 25.73 -4.55 0.89
N GLU A 125 26.18 -4.60 -0.36
CA GLU A 125 25.63 -3.66 -1.31
C GLU A 125 24.30 -4.32 -1.68
N ILE A 126 24.22 -5.60 -1.98
CA ILE A 126 22.85 -6.09 -2.13
C ILE A 126 21.99 -5.69 -0.93
N PHE A 127 22.50 -5.78 0.27
CA PHE A 127 21.70 -5.40 1.42
C PHE A 127 21.35 -3.87 1.51
N LYS A 128 22.32 -2.96 1.27
CA LYS A 128 22.02 -1.52 1.13
C LYS A 128 20.84 -1.33 0.16
N ASN A 129 20.84 -2.13 -0.90
CA ASN A 129 20.03 -1.82 -2.05
C ASN A 129 18.63 -1.90 -1.58
N TYR A 130 18.41 -3.06 -0.97
CA TYR A 130 17.17 -3.46 -0.42
C TYR A 130 16.77 -2.56 0.75
N LEU A 131 17.70 -2.25 1.63
CA LEU A 131 17.39 -1.29 2.73
C LEU A 131 16.79 0.02 2.25
N THR A 132 17.35 0.63 1.21
CA THR A 132 16.75 1.85 0.70
C THR A 132 15.41 1.55 0.12
N LYS A 133 15.33 0.49 -0.65
CA LYS A 133 14.04 0.10 -1.24
C LYS A 133 12.95 0.08 -0.17
N VAL A 134 13.15 -0.62 0.95
CA VAL A 134 12.12 -0.60 1.97
C VAL A 134 11.82 0.75 2.54
N ALA A 135 12.86 1.48 2.91
CA ALA A 135 12.69 2.86 3.38
C ALA A 135 11.81 3.63 2.39
N TYR A 136 12.16 3.53 1.15
CA TYR A 136 11.60 4.44 0.19
C TYR A 136 10.14 4.23 0.03
N TYR A 137 9.72 2.99 -0.13
CA TYR A 137 8.28 2.70 -0.24
C TYR A 137 7.54 2.83 1.06
N ALA A 138 8.23 2.62 2.17
CA ALA A 138 7.60 2.73 3.49
C ALA A 138 7.26 4.16 3.80
N ARG A 139 8.10 5.08 3.35
CA ARG A 139 7.87 6.47 3.52
C ARG A 139 6.60 6.81 2.83
N GLN A 140 6.55 6.48 1.56
CA GLN A 140 5.40 6.79 0.73
C GLN A 140 4.10 6.17 1.16
N VAL A 141 4.11 5.11 1.94
CA VAL A 141 2.85 4.63 2.44
C VAL A 141 2.46 5.64 3.46
N ALA A 142 3.29 5.81 4.47
CA ALA A 142 3.10 6.82 5.47
C ALA A 142 2.68 8.19 4.96
N GLU A 143 3.11 8.60 3.76
CA GLU A 143 2.72 9.88 3.16
C GLU A 143 1.30 9.92 2.59
N ILE A 144 0.72 8.75 2.39
CA ILE A 144 -0.64 8.67 1.95
C ILE A 144 -1.37 9.37 3.04
N ASN A 145 -2.20 10.33 2.65
CA ASN A 145 -3.09 11.03 3.60
C ASN A 145 -4.37 10.25 3.79
N THR A 146 -4.43 9.53 4.90
CA THR A 146 -5.52 8.64 5.24
C THR A 146 -6.50 9.40 6.10
N TYR A 147 -6.14 10.63 6.46
CA TYR A 147 -7.04 11.42 7.28
C TYR A 147 -8.30 11.97 6.63
N ASN A 148 -8.25 12.91 5.68
CA ASN A 148 -9.56 13.32 5.13
C ASN A 148 -10.30 12.08 4.83
N PRO A 149 -9.77 11.27 3.89
CA PRO A 149 -10.49 10.24 3.16
C PRO A 149 -11.24 9.36 4.10
N THR A 150 -10.98 9.52 5.39
CA THR A 150 -11.70 8.85 6.46
C THR A 150 -12.95 9.65 6.94
N ILE A 151 -12.76 10.94 7.22
CA ILE A 151 -13.87 11.88 7.29
C ILE A 151 -14.80 11.73 6.07
N ARG A 152 -14.26 11.78 4.85
CA ARG A 152 -15.09 11.60 3.63
C ARG A 152 -15.95 10.34 3.67
N ILE A 153 -15.39 9.26 4.18
CA ILE A 153 -16.16 8.01 4.25
C ILE A 153 -17.36 8.12 5.13
N LEU A 154 -17.18 8.68 6.30
CA LEU A 154 -18.28 8.79 7.23
C LEU A 154 -19.38 9.63 6.60
N ARG A 155 -18.97 10.77 6.09
CA ARG A 155 -19.85 11.70 5.45
C ARG A 155 -20.78 10.95 4.53
N LEU A 156 -20.18 10.15 3.65
CA LEU A 156 -20.93 9.24 2.79
C LEU A 156 -22.01 8.45 3.53
N PHE A 157 -21.64 7.77 4.62
CA PHE A 157 -22.62 6.98 5.36
C PHE A 157 -23.70 7.82 6.01
N TYR A 158 -23.34 8.98 6.55
CA TYR A 158 -24.33 9.75 7.28
C TYR A 158 -25.31 10.11 6.19
N GLU A 159 -24.79 10.82 5.20
CA GLU A 159 -25.55 11.22 4.04
C GLU A 159 -26.45 10.15 3.45
N LEU A 160 -25.89 8.99 3.12
CA LEU A 160 -26.73 7.90 2.63
C LEU A 160 -27.85 7.71 3.59
N CYS A 161 -27.47 7.52 4.84
CA CYS A 161 -28.39 7.17 5.89
C CYS A 161 -29.55 8.15 6.12
N SER A 162 -29.24 9.43 6.24
CA SER A 162 -30.26 10.39 6.57
C SER A 162 -30.91 10.86 5.30
N SER A 163 -31.57 9.94 4.59
CA SER A 163 -32.23 10.19 3.29
C SER A 163 -32.71 8.89 2.67
N GLN A 164 -32.06 7.80 3.04
CA GLN A 164 -32.42 6.48 2.57
C GLN A 164 -32.73 5.55 3.71
N GLY A 165 -32.40 6.00 4.92
CA GLY A 165 -32.44 5.17 6.10
C GLY A 165 -33.83 5.01 6.64
N LYS A 166 -34.07 3.88 7.27
CA LYS A 166 -35.42 3.48 7.62
C LYS A 166 -35.40 3.00 9.03
N ARG A 167 -35.88 3.86 9.90
CA ARG A 167 -35.87 3.54 11.29
C ARG A 167 -36.69 2.27 11.39
N VAL A 168 -35.99 1.27 11.91
CA VAL A 168 -36.55 0.00 12.23
C VAL A 168 -36.25 -0.01 13.70
N GLY A 169 -37.28 0.22 14.51
CA GLY A 169 -37.11 0.26 15.96
C GLY A 169 -36.03 1.23 16.39
N ASP A 170 -34.96 0.69 16.96
CA ASP A 170 -33.88 1.49 17.52
C ASP A 170 -33.00 2.12 16.43
N THR A 171 -33.04 1.52 15.26
CA THR A 171 -31.94 1.62 14.36
C THR A 171 -32.39 2.30 13.10
N TYR A 172 -31.50 2.32 12.11
CA TYR A 172 -31.85 2.69 10.74
C TYR A 172 -31.20 1.77 9.68
N GLU A 173 -32.01 1.32 8.73
CA GLU A 173 -31.59 0.39 7.72
C GLU A 173 -31.50 1.12 6.41
N ILE A 174 -30.56 0.71 5.57
CA ILE A 174 -30.52 1.11 4.17
C ILE A 174 -30.43 -0.17 3.37
N THR A 175 -31.24 -0.32 2.33
CA THR A 175 -31.26 -1.57 1.56
C THR A 175 -30.49 -1.31 0.29
N MET A 176 -29.18 -1.38 0.49
CA MET A 176 -28.23 -0.77 -0.39
C MET A 176 -27.02 -1.70 -0.49
N PRO A 177 -26.82 -2.29 -1.68
CA PRO A 177 -25.50 -2.86 -1.97
C PRO A 177 -24.47 -1.77 -1.89
N LEU A 178 -23.32 -2.04 -1.29
CA LEU A 178 -22.25 -1.08 -1.32
C LEU A 178 -20.92 -1.71 -1.01
N SER A 179 -20.23 -2.09 -2.07
CA SER A 179 -18.92 -2.69 -1.91
C SER A 179 -17.89 -1.70 -1.35
N GLN A 180 -16.91 -2.25 -0.64
CA GLN A 180 -15.76 -1.48 -0.18
C GLN A 180 -15.01 -0.83 -1.34
N LYS A 181 -15.02 -1.53 -2.48
CA LYS A 181 -14.47 -1.06 -3.75
C LYS A 181 -15.17 0.22 -4.11
N SER A 182 -16.49 0.13 -4.30
CA SER A 182 -17.35 1.31 -4.54
C SER A 182 -17.09 2.41 -3.57
N ILE A 183 -16.86 2.04 -2.32
CA ILE A 183 -16.65 3.04 -1.31
C ILE A 183 -15.32 3.74 -1.51
N GLY A 184 -14.26 2.96 -1.70
CA GLY A 184 -12.95 3.54 -2.01
C GLY A 184 -12.98 4.27 -3.35
N GLU A 185 -13.69 3.72 -4.30
CA GLU A 185 -13.78 4.38 -5.59
C GLU A 185 -14.46 5.72 -5.45
N ILE A 186 -15.46 5.79 -4.58
CA ILE A 186 -16.20 7.02 -4.43
C ILE A 186 -15.50 8.09 -3.61
N THR A 187 -14.78 7.68 -2.57
CA THR A 187 -14.11 8.63 -1.68
C THR A 187 -12.65 8.80 -1.95
N GLY A 188 -12.10 7.95 -2.82
CA GLY A 188 -10.65 7.95 -3.07
C GLY A 188 -9.83 7.52 -1.87
N ALA A 189 -10.26 6.45 -1.22
CA ALA A 189 -9.68 6.04 0.03
C ALA A 189 -9.19 4.66 -0.21
N HIS A 190 -8.06 4.38 0.40
CA HIS A 190 -7.34 3.15 0.24
C HIS A 190 -8.17 2.02 0.86
N HIS A 191 -8.06 0.81 0.27
CA HIS A 191 -8.95 -0.26 0.66
C HIS A 191 -8.66 -0.67 2.09
N VAL A 192 -7.45 -0.33 2.54
CA VAL A 192 -7.04 -0.55 3.91
C VAL A 192 -7.79 0.34 4.84
N THR A 193 -7.72 1.64 4.53
CA THR A 193 -8.51 2.59 5.25
C THR A 193 -9.97 2.13 5.26
N VAL A 194 -10.51 1.89 4.09
CA VAL A 194 -11.87 1.42 4.03
C VAL A 194 -12.10 0.28 5.00
N SER A 195 -11.22 -0.73 5.01
CA SER A 195 -11.47 -1.92 5.86
C SER A 195 -11.41 -1.58 7.31
N LYS A 196 -10.39 -0.83 7.72
CA LYS A 196 -10.16 -0.54 9.12
C LYS A 196 -11.21 0.49 9.62
N VAL A 197 -11.58 1.44 8.78
CA VAL A 197 -12.59 2.44 9.18
C VAL A 197 -13.86 1.69 9.40
N LEU A 198 -14.17 0.78 8.50
CA LEU A 198 -15.36 0.01 8.69
C LEU A 198 -15.29 -0.67 10.01
N ALA A 199 -14.25 -1.46 10.19
CA ALA A 199 -14.25 -2.44 11.25
C ALA A 199 -14.48 -1.80 12.59
N CYS A 200 -13.89 -0.63 12.83
CA CYS A 200 -13.94 -0.05 14.16
C CYS A 200 -15.15 0.90 14.40
N LEU A 201 -15.85 1.25 13.31
CA LEU A 201 -17.27 1.69 13.34
C LEU A 201 -18.23 0.60 13.87
N LYS A 202 -18.01 -0.64 13.42
CA LYS A 202 -18.76 -1.82 13.91
C LYS A 202 -18.46 -2.07 15.36
N LYS A 203 -17.17 -2.02 15.71
CA LYS A 203 -16.73 -2.23 17.08
C LYS A 203 -17.45 -1.20 17.99
N GLU A 204 -17.18 0.08 17.76
CA GLU A 204 -17.71 1.14 18.65
C GLU A 204 -19.26 1.40 18.59
N ASN A 205 -20.02 0.49 17.96
CA ASN A 205 -21.51 0.53 17.87
C ASN A 205 -22.14 1.67 17.05
N ILE A 206 -21.46 2.15 16.02
CA ILE A 206 -22.03 3.21 15.24
C ILE A 206 -22.78 2.64 14.04
N LEU A 207 -22.19 1.65 13.41
CA LEU A 207 -22.81 1.04 12.25
C LEU A 207 -22.13 -0.27 11.84
N ASP A 208 -22.85 -1.10 11.10
CA ASP A 208 -22.32 -2.34 10.59
C ASP A 208 -22.94 -2.50 9.24
N LYS A 209 -22.10 -2.83 8.26
CA LYS A 209 -22.54 -3.03 6.88
C LYS A 209 -22.62 -4.51 6.56
N LYS A 210 -23.83 -4.97 6.23
CA LYS A 210 -24.00 -6.29 5.62
C LYS A 210 -23.82 -6.24 4.07
N LYS A 211 -24.12 -7.31 3.35
CA LYS A 211 -24.06 -7.33 1.89
C LYS A 211 -25.25 -6.59 1.25
N ASN A 212 -26.47 -6.83 1.75
CA ASN A 212 -27.71 -6.22 1.21
C ASN A 212 -28.15 -4.91 1.87
N LYS A 213 -27.54 -4.62 3.02
CA LYS A 213 -28.11 -3.74 4.03
C LYS A 213 -26.96 -3.15 4.85
N PHE A 214 -26.97 -1.84 5.16
CA PHE A 214 -26.24 -1.41 6.37
C PHE A 214 -27.19 -1.01 7.48
N ILE A 215 -26.81 -1.32 8.71
CA ILE A 215 -27.64 -1.00 9.85
C ILE A 215 -26.89 -0.02 10.67
N VAL A 216 -27.56 1.08 10.98
CA VAL A 216 -26.95 2.16 11.75
C VAL A 216 -27.42 2.08 13.19
N TYR A 217 -26.47 2.16 14.11
CA TYR A 217 -26.78 1.96 15.51
C TYR A 217 -26.79 3.24 16.26
N ASN A 218 -26.27 4.28 15.63
CA ASN A 218 -26.04 5.50 16.33
C ASN A 218 -25.88 6.69 15.40
N LEU A 219 -26.92 6.97 14.63
CA LEU A 219 -26.87 8.14 13.78
C LEU A 219 -26.33 9.39 14.53
N GLU A 220 -26.75 9.62 15.79
CA GLU A 220 -26.23 10.72 16.62
C GLU A 220 -24.68 10.92 16.58
N GLU A 221 -23.96 9.80 16.58
CA GLU A 221 -22.52 9.76 16.70
C GLU A 221 -21.87 9.78 15.33
N LEU A 222 -22.34 8.91 14.43
CA LEU A 222 -21.91 8.94 13.03
C LEU A 222 -21.73 10.40 12.58
N LYS A 223 -22.83 11.15 12.63
CA LYS A 223 -22.85 12.57 12.29
C LYS A 223 -21.82 13.33 13.07
N HIS A 224 -21.63 12.91 14.31
CA HIS A 224 -20.72 13.59 15.22
C HIS A 224 -19.26 13.56 14.70
N LEU A 225 -18.87 12.50 13.98
CA LEU A 225 -17.50 12.37 13.49
C LEU A 225 -17.52 12.89 12.07
N SER A 226 -17.73 14.18 11.90
CA SER A 226 -17.79 14.83 10.57
C SER A 226 -18.28 16.29 10.70
N PHE B 19 4.54 -8.00 10.53
CA PHE B 19 5.69 -8.27 11.50
C PHE B 19 7.04 -8.78 10.93
N PHE B 20 6.96 -9.71 9.97
CA PHE B 20 8.10 -10.09 9.12
C PHE B 20 9.21 -10.82 9.85
N PRO B 21 8.89 -11.88 10.60
CA PRO B 21 9.84 -12.45 11.53
C PRO B 21 11.08 -13.07 10.90
N ILE B 22 12.16 -13.13 11.64
CA ILE B 22 13.25 -14.03 11.34
C ILE B 22 13.56 -14.83 12.60
N GLU B 23 12.85 -15.93 12.86
CA GLU B 23 13.31 -16.89 13.87
C GLU B 23 14.79 -17.07 13.79
N LYS B 24 15.26 -17.49 12.60
CA LYS B 24 16.54 -18.18 12.48
C LYS B 24 17.72 -17.37 13.09
N LEU B 25 17.50 -16.07 13.23
CA LEU B 25 18.37 -15.14 13.96
C LEU B 25 18.46 -15.19 15.55
N ARG B 26 17.48 -15.78 16.24
CA ARG B 26 17.60 -16.01 17.70
C ARG B 26 18.81 -16.86 17.96
N ASN B 27 19.04 -17.70 16.97
CA ASN B 27 20.25 -18.49 16.87
C ASN B 27 21.59 -17.75 16.97
N TYR B 28 21.62 -16.41 16.95
CA TYR B 28 22.90 -15.71 16.89
C TYR B 28 23.00 -14.46 17.77
N THR B 29 22.08 -14.33 18.73
CA THR B 29 22.02 -13.15 19.60
C THR B 29 23.26 -13.16 20.42
N ASP B 30 23.76 -14.38 20.60
CA ASP B 30 24.95 -14.61 21.39
C ASP B 30 26.18 -13.93 20.81
N MET B 31 26.09 -13.54 19.55
CA MET B 31 27.17 -12.79 18.92
C MET B 31 26.90 -11.29 18.98
N GLY B 32 25.63 -10.88 19.04
CA GLY B 32 25.24 -9.46 19.08
C GLY B 32 25.52 -8.79 20.41
N ILE B 33 25.03 -7.57 20.62
CA ILE B 33 25.02 -7.00 21.97
C ILE B 33 23.60 -6.70 22.40
N ILE B 34 23.21 -7.27 23.53
CA ILE B 34 21.82 -7.31 23.97
C ILE B 34 21.50 -6.08 24.79
N ARG B 35 20.39 -5.43 24.47
CA ARG B 35 20.01 -4.23 25.14
C ARG B 35 18.57 -4.43 25.45
N GLU B 36 18.20 -3.88 26.59
CA GLU B 36 16.94 -4.16 27.21
C GLU B 36 16.36 -2.83 27.60
N PHE B 37 15.17 -2.55 27.09
CA PHE B 37 14.48 -1.27 27.26
C PHE B 37 13.13 -1.43 27.98
N ALA B 38 12.86 -0.61 29.01
CA ALA B 38 11.58 -0.72 29.76
C ALA B 38 10.44 -0.05 29.01
N LYS B 39 9.20 -0.23 29.47
CA LYS B 39 8.04 0.37 28.78
C LYS B 39 8.24 1.89 28.59
N GLY B 40 7.94 2.45 27.43
CA GLY B 40 8.09 3.92 27.24
C GLY B 40 9.50 4.40 26.94
N SER B 41 10.47 3.53 27.17
CA SER B 41 11.86 3.84 26.87
C SER B 41 12.05 4.12 25.37
N ALA B 42 12.86 5.12 25.07
CA ALA B 42 13.23 5.42 23.70
C ALA B 42 14.42 4.55 23.32
N ILE B 43 14.35 4.01 22.11
CA ILE B 43 15.33 3.09 21.63
C ILE B 43 15.92 3.59 20.32
N ILE B 44 15.25 4.55 19.67
CA ILE B 44 15.91 5.48 18.75
C ILE B 44 15.38 6.86 19.03
N MET B 45 16.26 7.82 19.26
CA MET B 45 15.85 9.21 19.37
C MET B 45 15.75 9.75 17.96
N PRO B 46 14.85 10.71 17.73
CA PRO B 46 14.87 11.43 16.46
C PRO B 46 16.28 11.98 16.07
N GLY B 47 16.58 12.13 14.78
CA GLY B 47 17.92 12.52 14.30
C GLY B 47 19.05 11.71 14.88
N GLU B 48 18.78 10.45 15.17
CA GLU B 48 19.79 9.55 15.68
C GLU B 48 20.26 8.71 14.52
N ASP B 49 21.54 8.82 14.21
CA ASP B 49 22.16 8.07 13.11
C ASP B 49 22.40 6.61 13.48
N THR B 50 21.62 5.68 12.94
CA THR B 50 21.67 4.26 13.35
C THR B 50 22.62 3.50 12.46
N THR B 51 23.35 2.56 13.08
CA THR B 51 24.32 1.72 12.35
C THR B 51 24.21 0.24 12.71
N SER B 52 23.10 -0.21 13.28
CA SER B 52 23.00 -1.63 13.64
C SER B 52 21.63 -2.18 13.52
N MET B 53 21.50 -3.36 12.91
CA MET B 53 20.19 -3.98 12.80
C MET B 53 19.75 -4.33 14.20
N ILE B 54 18.46 -4.24 14.46
CA ILE B 54 17.98 -4.47 15.80
C ILE B 54 17.04 -5.66 15.83
N PHE B 55 17.43 -6.70 16.55
CA PHE B 55 16.62 -7.89 16.53
C PHE B 55 15.78 -7.95 17.79
N LEU B 56 14.49 -7.82 17.54
CA LEU B 56 13.53 -7.69 18.59
C LEU B 56 13.16 -9.09 19.09
N MET B 57 13.67 -9.44 20.28
CA MET B 57 13.57 -10.83 20.80
C MET B 57 12.22 -11.07 21.43
N ASP B 58 11.81 -10.16 22.29
CA ASP B 58 10.44 -10.10 22.78
C ASP B 58 10.00 -8.74 23.27
N GLY B 59 8.72 -8.45 23.04
CA GLY B 59 8.13 -7.19 23.43
C GLY B 59 7.39 -6.62 22.25
N LYS B 60 7.44 -5.31 22.13
CA LYS B 60 6.76 -4.60 21.06
C LYS B 60 7.39 -3.25 20.82
N ILE B 61 7.44 -2.82 19.58
CA ILE B 61 8.05 -1.52 19.30
C ILE B 61 7.24 -0.66 18.36
N LYS B 62 7.22 0.62 18.70
CA LYS B 62 6.48 1.62 17.99
C LYS B 62 7.46 2.45 17.11
N LEU B 63 7.26 2.41 15.78
CA LEU B 63 8.04 3.28 14.88
C LEU B 63 7.19 4.40 14.26
N ASP B 64 7.61 5.64 14.49
CA ASP B 64 7.01 6.79 13.90
C ASP B 64 8.06 7.43 13.04
N ILE B 65 7.63 7.91 11.89
CA ILE B 65 8.52 8.57 11.00
C ILE B 65 8.28 10.03 11.20
N ILE B 66 9.32 10.84 11.07
CA ILE B 66 9.17 12.27 11.17
C ILE B 66 9.59 12.91 9.85
N PHE B 67 8.71 13.67 9.21
CA PHE B 67 9.01 14.17 7.88
C PHE B 67 9.81 15.41 7.99
N GLU B 68 10.16 16.00 6.85
CA GLU B 68 10.91 17.27 6.82
C GLU B 68 10.21 18.45 7.49
N ASP B 69 8.91 18.37 7.72
CA ASP B 69 8.18 19.53 8.24
C ASP B 69 7.79 19.31 9.69
N GLY B 70 8.49 18.41 10.36
CA GLY B 70 8.18 18.15 11.76
C GLY B 70 6.87 17.41 12.03
N SER B 71 6.21 16.94 11.00
CA SER B 71 5.01 16.16 11.25
C SER B 71 5.38 14.69 11.43
N GLU B 72 4.82 14.14 12.49
CA GLU B 72 5.01 12.79 12.90
C GLU B 72 3.89 12.00 12.24
N LYS B 73 4.05 10.68 12.21
CA LYS B 73 3.04 9.73 11.76
C LYS B 73 3.48 8.39 12.25
N LEU B 74 2.56 7.48 12.45
CA LEU B 74 2.97 6.11 12.69
C LEU B 74 3.41 5.44 11.40
N LEU B 75 4.33 4.50 11.57
CA LEU B 75 5.03 3.92 10.47
C LEU B 75 4.82 2.47 10.57
N TYR B 76 5.23 1.89 11.70
CA TYR B 76 4.83 0.52 12.04
C TYR B 76 5.23 0.07 13.38
N TYR B 77 4.45 -0.90 13.87
CA TYR B 77 4.80 -1.75 14.98
C TYR B 77 5.66 -2.96 14.64
N ALA B 78 6.57 -3.29 15.55
CA ALA B 78 7.44 -4.41 15.33
C ALA B 78 7.37 -5.14 16.60
N GLY B 79 7.55 -6.44 16.49
CA GLY B 79 7.26 -7.35 17.56
C GLY B 79 8.23 -8.47 17.46
N SER B 80 7.85 -9.64 17.96
CA SER B 80 8.85 -10.68 18.25
C SER B 80 9.46 -11.25 16.95
N ASN B 81 10.78 -11.49 16.99
CA ASN B 81 11.60 -11.83 15.81
C ASN B 81 11.66 -10.77 14.68
N SER B 82 11.19 -9.56 14.92
CA SER B 82 11.20 -8.59 13.88
C SER B 82 12.61 -7.97 13.78
N LEU B 83 12.98 -7.55 12.58
CA LEU B 83 14.30 -7.00 12.37
C LEU B 83 14.13 -5.64 11.81
N ILE B 84 14.41 -4.70 12.70
CA ILE B 84 14.31 -3.28 12.53
C ILE B 84 15.72 -2.88 12.45
N GLY B 85 15.96 -1.69 11.91
CA GLY B 85 17.23 -1.09 12.02
C GLY B 85 17.63 -0.74 10.64
N ARG B 86 18.53 0.21 10.61
CA ARG B 86 19.24 0.47 9.46
C ARG B 86 20.65 0.17 9.88
N LEU B 87 21.36 -0.37 8.92
CA LEU B 87 22.79 -0.45 8.88
C LEU B 87 23.39 0.72 8.13
N TYR B 88 22.56 1.47 7.41
CA TYR B 88 23.05 2.65 6.65
C TYR B 88 21.96 3.75 6.75
N PRO B 89 22.30 5.02 6.41
CA PRO B 89 21.30 6.10 6.34
C PRO B 89 20.28 5.83 5.28
N THR B 90 19.00 6.09 5.55
CA THR B 90 17.92 5.70 4.62
C THR B 90 17.18 6.90 4.05
N GLY B 91 17.44 8.10 4.54
CA GLY B 91 16.52 9.21 4.32
C GLY B 91 15.36 9.33 5.31
N ASN B 92 15.12 8.36 6.18
CA ASN B 92 14.04 8.49 7.12
C ASN B 92 14.53 8.90 8.52
N ASN B 93 13.98 9.99 9.05
CA ASN B 93 14.01 10.18 10.51
C ASN B 93 13.02 9.23 11.25
N ILE B 94 13.58 8.33 12.05
CA ILE B 94 12.80 7.42 12.84
C ILE B 94 13.03 7.52 14.36
N TYR B 95 12.02 7.11 15.06
CA TYR B 95 11.85 7.49 16.38
C TYR B 95 11.18 6.21 16.82
N ALA B 96 11.83 5.42 17.65
CA ALA B 96 11.21 4.16 18.05
C ALA B 96 11.05 4.10 19.54
N THR B 97 9.99 3.43 19.99
CA THR B 97 9.58 3.49 21.40
C THR B 97 9.13 2.15 21.86
N ALA B 98 9.37 1.83 23.12
CA ALA B 98 8.93 0.54 23.60
C ALA B 98 7.47 0.63 24.08
N MET B 99 6.71 -0.38 23.69
CA MET B 99 5.33 -0.56 24.13
C MET B 99 5.28 -1.27 25.46
N GLU B 100 6.01 -2.38 25.58
CA GLU B 100 6.15 -3.09 26.85
C GLU B 100 7.63 -3.25 27.12
N GLN B 101 8.02 -4.01 28.13
CA GLN B 101 9.44 -4.26 28.35
C GLN B 101 9.81 -5.15 27.19
N THR B 102 11.01 -4.91 26.64
CA THR B 102 11.42 -5.43 25.34
C THR B 102 12.94 -5.69 25.40
N ARG B 103 13.41 -6.76 24.76
CA ARG B 103 14.83 -7.19 24.79
C ARG B 103 15.30 -7.30 23.37
N THR B 104 16.33 -6.53 23.02
CA THR B 104 16.80 -6.48 21.64
C THR B 104 18.25 -6.97 21.57
N CYS B 105 18.60 -7.51 20.41
CA CYS B 105 19.97 -7.80 20.17
C CYS B 105 20.37 -6.92 19.00
N TRP B 106 21.50 -6.27 19.14
CA TRP B 106 22.01 -5.34 18.13
C TRP B 106 23.17 -5.90 17.34
N PHE B 107 22.96 -5.94 16.03
CA PHE B 107 23.91 -6.52 15.12
C PHE B 107 24.61 -5.51 14.24
N SER B 108 25.89 -5.23 14.50
CA SER B 108 26.71 -4.40 13.56
C SER B 108 26.87 -5.02 12.16
N GLU B 109 27.41 -4.22 11.26
CA GLU B 109 27.91 -4.77 10.02
C GLU B 109 28.98 -5.77 10.39
N GLU B 110 29.93 -5.32 11.23
CA GLU B 110 31.12 -6.12 11.60
C GLU B 110 30.65 -7.38 12.25
N CYS B 111 29.67 -7.25 13.12
CA CYS B 111 28.97 -8.39 13.66
C CYS B 111 28.30 -9.28 12.63
N LEU B 112 27.58 -8.65 11.72
CA LEU B 112 26.93 -9.38 10.65
C LEU B 112 27.89 -10.17 9.79
N ARG B 113 28.99 -9.56 9.33
CA ARG B 113 29.92 -10.27 8.45
C ARG B 113 30.29 -11.65 9.00
N VAL B 114 30.63 -11.65 10.29
CA VAL B 114 30.91 -12.88 11.03
C VAL B 114 29.69 -13.86 11.11
N ILE B 115 28.46 -13.37 11.26
CA ILE B 115 27.35 -14.31 11.26
C ILE B 115 27.24 -14.95 9.88
N PHE B 116 27.58 -14.21 8.82
CA PHE B 116 27.50 -14.77 7.44
C PHE B 116 28.65 -15.72 7.01
N ARG B 117 29.73 -15.82 7.82
CA ARG B 117 30.81 -16.79 7.52
C ARG B 117 30.53 -18.08 8.24
N THR B 118 30.20 -17.99 9.53
CA THR B 118 29.65 -19.18 10.23
C THR B 118 28.64 -19.78 9.34
N ASP B 119 27.85 -18.92 8.74
CA ASP B 119 26.62 -19.38 8.20
C ASP B 119 26.11 -18.43 7.16
N GLU B 120 26.16 -18.97 5.95
CA GLU B 120 26.04 -18.28 4.67
C GLU B 120 24.55 -18.39 4.30
N ASP B 121 23.85 -19.40 4.89
CA ASP B 121 22.43 -19.52 4.73
C ASP B 121 21.67 -18.37 5.36
N MET B 122 22.24 -17.69 6.35
CA MET B 122 21.53 -16.54 6.92
C MET B 122 21.65 -15.30 6.00
N ILE B 123 22.61 -15.23 5.08
CA ILE B 123 22.53 -14.12 4.12
C ILE B 123 21.16 -14.09 3.48
N PHE B 124 20.67 -15.23 3.06
CA PHE B 124 19.58 -15.18 2.13
C PHE B 124 18.28 -14.95 2.88
N GLU B 125 18.29 -15.31 4.16
CA GLU B 125 17.16 -15.06 5.03
C GLU B 125 16.96 -13.58 5.22
N ILE B 126 18.01 -12.86 5.53
CA ILE B 126 17.89 -11.43 5.57
C ILE B 126 17.44 -10.90 4.19
N PHE B 127 17.98 -11.44 3.11
CA PHE B 127 17.45 -11.12 1.78
C PHE B 127 15.93 -11.41 1.66
N LYS B 128 15.49 -12.66 1.91
CA LYS B 128 14.08 -13.03 1.78
C LYS B 128 13.26 -11.98 2.53
N ASN B 129 13.77 -11.62 3.69
CA ASN B 129 13.02 -10.80 4.60
C ASN B 129 12.68 -9.47 4.03
N TYR B 130 13.72 -8.78 3.59
CA TYR B 130 13.61 -7.41 3.17
C TYR B 130 12.87 -7.42 1.88
N LEU B 131 13.16 -8.43 1.09
CA LEU B 131 12.44 -8.67 -0.14
C LEU B 131 10.91 -8.84 0.08
N THR B 132 10.48 -9.45 1.19
CA THR B 132 9.05 -9.43 1.45
C THR B 132 8.62 -8.04 1.79
N LYS B 133 9.30 -7.48 2.78
CA LYS B 133 9.01 -6.13 3.17
C LYS B 133 8.88 -5.23 1.88
N VAL B 134 9.85 -5.24 0.96
CA VAL B 134 9.68 -4.47 -0.26
C VAL B 134 8.43 -4.80 -1.10
N ALA B 135 8.25 -6.06 -1.50
CA ALA B 135 6.93 -6.54 -1.97
C ALA B 135 5.74 -5.98 -1.18
N TYR B 136 5.77 -6.04 0.14
CA TYR B 136 4.58 -5.61 0.85
C TYR B 136 4.28 -4.12 0.67
N TYR B 137 5.25 -3.26 0.89
CA TYR B 137 4.95 -1.84 0.81
C TYR B 137 4.63 -1.37 -0.55
N ALA B 138 5.25 -1.97 -1.54
CA ALA B 138 5.06 -1.53 -2.92
C ALA B 138 3.65 -1.83 -3.38
N ARG B 139 3.18 -3.04 -3.15
CA ARG B 139 1.77 -3.40 -3.42
C ARG B 139 0.87 -2.28 -2.91
N GLN B 140 1.14 -1.85 -1.67
CA GLN B 140 0.33 -0.85 -0.99
C GLN B 140 0.35 0.46 -1.80
N VAL B 141 1.55 0.86 -2.28
CA VAL B 141 1.66 2.04 -3.13
C VAL B 141 0.89 1.80 -4.42
N ALA B 142 1.00 0.65 -5.05
CA ALA B 142 0.27 0.47 -6.29
C ALA B 142 -1.24 0.51 -6.10
N GLU B 143 -1.68 0.18 -4.88
CA GLU B 143 -3.06 -0.08 -4.55
C GLU B 143 -3.70 1.31 -4.24
N ILE B 144 -3.94 2.13 -5.26
CA ILE B 144 -4.14 3.53 -4.92
C ILE B 144 -4.31 4.56 -6.04
N ASN B 145 -5.16 5.57 -5.86
CA ASN B 145 -6.52 5.61 -6.36
C ASN B 145 -6.25 7.04 -6.89
N THR B 146 -5.38 7.16 -7.92
CA THR B 146 -4.89 8.45 -8.45
C THR B 146 -6.01 9.52 -8.52
N TYR B 147 -5.77 10.72 -7.97
CA TYR B 147 -6.78 11.83 -7.95
C TYR B 147 -7.60 12.00 -9.24
N ASN B 148 -8.91 11.98 -8.99
CA ASN B 148 -9.89 11.31 -9.81
C ASN B 148 -10.83 12.36 -10.41
N PRO B 149 -11.39 13.29 -9.59
CA PRO B 149 -12.27 13.53 -8.43
C PRO B 149 -13.62 13.55 -9.07
N THR B 150 -13.56 13.28 -10.35
CA THR B 150 -14.63 13.51 -11.21
C THR B 150 -15.10 12.15 -11.63
N ILE B 151 -14.17 11.24 -11.95
CA ILE B 151 -14.45 9.79 -11.93
C ILE B 151 -15.10 9.38 -10.57
N ARG B 152 -14.79 10.09 -9.49
CA ARG B 152 -15.44 9.80 -8.22
C ARG B 152 -16.93 10.11 -8.20
N ILE B 153 -17.24 11.30 -8.68
CA ILE B 153 -18.61 11.80 -8.71
C ILE B 153 -19.51 10.91 -9.49
N LEU B 154 -19.06 10.47 -10.65
CA LEU B 154 -19.89 9.66 -11.52
C LEU B 154 -20.16 8.35 -10.87
N ARG B 155 -19.08 7.67 -10.50
CA ARG B 155 -19.18 6.48 -9.69
C ARG B 155 -20.30 6.54 -8.64
N LEU B 156 -20.31 7.62 -7.88
CA LEU B 156 -21.35 7.80 -6.90
C LEU B 156 -22.69 7.65 -7.58
N PHE B 157 -22.91 8.45 -8.62
CA PHE B 157 -24.20 8.52 -9.28
C PHE B 157 -24.59 7.23 -9.95
N TYR B 158 -23.64 6.51 -10.52
CA TYR B 158 -24.00 5.21 -11.03
C TYR B 158 -24.51 4.36 -9.84
N GLU B 159 -23.68 4.26 -8.81
CA GLU B 159 -23.96 3.45 -7.63
C GLU B 159 -25.34 3.72 -7.05
N LEU B 160 -25.64 5.00 -6.84
CA LEU B 160 -26.94 5.40 -6.32
C LEU B 160 -27.96 4.87 -7.25
N CYS B 161 -27.79 5.26 -8.51
CA CYS B 161 -28.78 5.01 -9.50
C CYS B 161 -29.15 3.53 -9.69
N SER B 162 -28.16 2.64 -9.76
CA SER B 162 -28.43 1.22 -10.01
C SER B 162 -28.53 0.41 -8.72
N SER B 163 -29.72 0.43 -8.10
CA SER B 163 -30.00 -0.04 -6.72
C SER B 163 -31.01 0.88 -6.04
N GLN B 164 -31.19 2.09 -6.57
CA GLN B 164 -32.12 3.07 -6.01
C GLN B 164 -33.09 3.65 -7.06
N GLY B 165 -32.87 3.33 -8.35
CA GLY B 165 -33.67 3.90 -9.45
C GLY B 165 -34.89 3.07 -9.80
N LYS B 166 -36.03 3.73 -10.10
CA LYS B 166 -37.25 3.02 -10.56
C LYS B 166 -37.51 3.36 -12.02
N ARG B 167 -37.57 2.32 -12.87
CA ARG B 167 -37.56 2.50 -14.31
C ARG B 167 -38.85 3.22 -14.67
N VAL B 168 -38.77 4.54 -14.86
CA VAL B 168 -39.93 5.35 -15.24
C VAL B 168 -39.95 5.61 -16.74
N GLY B 169 -40.56 4.67 -17.46
CA GLY B 169 -40.68 4.72 -18.89
C GLY B 169 -39.33 4.51 -19.52
N ASP B 170 -38.75 5.62 -19.97
CA ASP B 170 -37.45 5.69 -20.66
C ASP B 170 -36.29 5.71 -19.68
N THR B 171 -36.61 6.10 -18.45
CA THR B 171 -35.67 6.75 -17.57
C THR B 171 -35.60 6.02 -16.24
N TYR B 172 -34.71 6.50 -15.36
CA TYR B 172 -34.61 6.00 -14.01
C TYR B 172 -34.55 7.17 -13.07
N GLU B 173 -35.41 7.16 -12.06
CA GLU B 173 -35.48 8.23 -11.10
C GLU B 173 -34.89 7.77 -9.79
N ILE B 174 -34.38 8.70 -8.99
CA ILE B 174 -34.05 8.39 -7.61
C ILE B 174 -34.50 9.52 -6.72
N THR B 175 -35.30 9.17 -5.72
CA THR B 175 -36.03 10.14 -4.93
C THR B 175 -35.18 10.42 -3.72
N MET B 176 -34.22 11.30 -3.90
CA MET B 176 -33.06 11.27 -3.07
C MET B 176 -32.48 12.64 -2.97
N PRO B 177 -32.83 13.36 -1.89
CA PRO B 177 -32.15 14.63 -1.67
C PRO B 177 -30.65 14.42 -1.81
N LEU B 178 -30.01 15.37 -2.47
CA LEU B 178 -28.57 15.29 -2.64
C LEU B 178 -28.03 16.65 -2.99
N SER B 179 -27.68 17.39 -1.97
CA SER B 179 -27.11 18.68 -2.18
C SER B 179 -25.83 18.46 -2.93
N GLN B 180 -25.39 19.51 -3.60
CA GLN B 180 -24.07 19.51 -4.14
C GLN B 180 -23.07 19.55 -3.00
N LYS B 181 -23.43 20.23 -1.90
CA LYS B 181 -22.57 20.24 -0.70
C LYS B 181 -22.26 18.82 -0.26
N SER B 182 -23.31 18.01 -0.05
CA SER B 182 -23.16 16.58 0.25
C SER B 182 -22.32 15.89 -0.77
N ILE B 183 -22.50 16.20 -2.04
CA ILE B 183 -21.72 15.50 -3.07
C ILE B 183 -20.20 15.80 -3.01
N GLY B 184 -19.81 17.07 -2.80
CA GLY B 184 -18.38 17.42 -2.66
C GLY B 184 -17.81 16.90 -1.35
N GLU B 185 -18.57 17.07 -0.29
CA GLU B 185 -18.18 16.51 0.99
C GLU B 185 -17.83 15.03 0.87
N ILE B 186 -18.63 14.27 0.14
CA ILE B 186 -18.45 12.83 0.02
C ILE B 186 -17.27 12.47 -0.86
N THR B 187 -17.10 13.18 -1.98
CA THR B 187 -16.09 12.78 -2.96
C THR B 187 -14.87 13.60 -2.76
N GLY B 188 -14.95 14.56 -1.87
CA GLY B 188 -13.85 15.51 -1.71
C GLY B 188 -13.54 16.17 -3.03
N ALA B 189 -14.57 16.71 -3.66
CA ALA B 189 -14.44 17.42 -4.91
C ALA B 189 -14.96 18.80 -4.64
N HIS B 190 -14.45 19.74 -5.43
CA HIS B 190 -14.73 21.15 -5.27
C HIS B 190 -16.10 21.57 -5.85
N HIS B 191 -16.83 22.41 -5.12
CA HIS B 191 -18.16 22.78 -5.56
C HIS B 191 -18.22 23.20 -7.03
N VAL B 192 -17.10 23.68 -7.56
CA VAL B 192 -17.03 24.04 -8.96
C VAL B 192 -17.10 22.79 -9.77
N THR B 193 -16.20 21.87 -9.42
CA THR B 193 -16.03 20.66 -10.19
C THR B 193 -17.38 20.01 -10.21
N VAL B 194 -17.93 19.79 -9.03
CA VAL B 194 -19.28 19.28 -8.94
C VAL B 194 -20.11 20.07 -9.96
N SER B 195 -20.31 21.37 -9.72
CA SER B 195 -21.22 22.20 -10.56
C SER B 195 -21.03 21.96 -12.04
N LYS B 196 -19.77 22.03 -12.48
CA LYS B 196 -19.41 21.86 -13.88
C LYS B 196 -19.63 20.41 -14.38
N VAL B 197 -19.29 19.42 -13.56
CA VAL B 197 -19.51 18.01 -13.89
C VAL B 197 -21.00 17.74 -14.06
N LEU B 198 -21.81 18.35 -13.20
CA LEU B 198 -23.27 18.20 -13.27
C LEU B 198 -23.77 18.78 -14.54
N ALA B 199 -23.45 20.05 -14.75
CA ALA B 199 -24.06 20.79 -15.84
C ALA B 199 -23.96 20.04 -17.20
N CYS B 200 -22.77 19.51 -17.49
CA CYS B 200 -22.50 18.98 -18.83
C CYS B 200 -23.10 17.57 -19.01
N LEU B 201 -23.06 16.78 -17.94
CA LEU B 201 -23.94 15.59 -17.83
C LEU B 201 -25.41 15.88 -18.20
N LYS B 202 -25.87 17.12 -17.96
CA LYS B 202 -27.22 17.55 -18.36
C LYS B 202 -27.30 17.74 -19.87
N LYS B 203 -26.37 18.52 -20.45
CA LYS B 203 -26.52 18.79 -21.87
C LYS B 203 -26.00 17.68 -22.77
N GLU B 204 -25.26 16.74 -22.20
CA GLU B 204 -24.93 15.54 -22.96
C GLU B 204 -25.91 14.43 -22.74
N ASN B 205 -27.04 14.74 -22.12
CA ASN B 205 -28.14 13.79 -21.96
C ASN B 205 -27.79 12.52 -21.18
N ILE B 206 -27.01 12.59 -20.12
CA ILE B 206 -26.78 11.39 -19.34
C ILE B 206 -27.60 11.43 -18.08
N LEU B 207 -27.79 12.64 -17.54
CA LEU B 207 -28.54 12.79 -16.32
C LEU B 207 -28.71 14.26 -15.92
N ASP B 208 -29.85 14.58 -15.33
CA ASP B 208 -30.04 15.82 -14.59
C ASP B 208 -30.53 15.50 -13.17
N LYS B 209 -30.20 16.35 -12.21
CA LYS B 209 -30.54 16.15 -10.78
C LYS B 209 -31.44 17.30 -10.35
N LYS B 210 -32.68 16.99 -10.02
CA LYS B 210 -33.56 17.99 -9.40
C LYS B 210 -33.34 18.01 -7.85
N LYS B 211 -34.25 18.66 -7.08
CA LYS B 211 -34.06 18.83 -5.64
C LYS B 211 -34.43 17.55 -4.87
N ASN B 212 -35.67 17.08 -5.01
CA ASN B 212 -36.07 15.80 -4.39
C ASN B 212 -35.54 14.57 -5.17
N LYS B 213 -35.03 14.81 -6.39
CA LYS B 213 -35.02 13.81 -7.49
C LYS B 213 -33.85 13.96 -8.48
N PHE B 214 -33.11 12.88 -8.77
CA PHE B 214 -32.35 12.83 -10.04
C PHE B 214 -32.84 11.75 -11.02
N ILE B 215 -32.87 12.18 -12.28
CA ILE B 215 -33.35 11.42 -13.40
C ILE B 215 -32.17 11.11 -14.31
N VAL B 216 -32.00 9.82 -14.54
CA VAL B 216 -30.94 9.28 -15.35
C VAL B 216 -31.49 9.00 -16.72
N TYR B 217 -30.97 9.67 -17.73
CA TYR B 217 -31.40 9.50 -19.13
C TYR B 217 -30.72 8.35 -19.86
N ASN B 218 -29.62 7.85 -19.31
CA ASN B 218 -28.69 7.02 -20.07
C ASN B 218 -27.76 6.25 -19.16
N LEU B 219 -28.31 5.30 -18.42
CA LEU B 219 -27.50 4.55 -17.48
C LEU B 219 -26.34 3.85 -18.21
N GLU B 220 -26.56 3.44 -19.45
CA GLU B 220 -25.52 2.78 -20.27
C GLU B 220 -24.21 3.57 -20.34
N GLU B 221 -24.35 4.88 -20.52
CA GLU B 221 -23.23 5.82 -20.65
C GLU B 221 -22.62 6.18 -19.29
N LEU B 222 -23.46 6.61 -18.37
CA LEU B 222 -23.01 6.82 -16.99
C LEU B 222 -21.98 5.76 -16.59
N LYS B 223 -22.38 4.48 -16.48
CA LYS B 223 -21.45 3.35 -16.18
C LYS B 223 -20.12 3.33 -17.02
N HIS B 224 -20.23 3.72 -18.29
CA HIS B 224 -19.05 3.90 -19.19
C HIS B 224 -18.09 4.97 -18.68
N LEU B 225 -18.60 6.19 -18.46
CA LEU B 225 -17.78 7.23 -17.87
C LEU B 225 -17.36 6.79 -16.46
N SER B 226 -16.71 5.61 -16.40
CA SER B 226 -16.19 4.95 -15.18
C SER B 226 -16.28 3.42 -15.32
#